data_3EH7
#
_entry.id   3EH7
#
_cell.length_a   72.704
_cell.length_b   72.704
_cell.length_c   133.694
_cell.angle_alpha   90.000
_cell.angle_beta   90.000
_cell.angle_gamma   120.000
#
_symmetry.space_group_name_H-M   'P 32 1 2'
#
loop_
_entity.id
_entity.type
_entity.pdbx_description
1 polymer '4-hydroxybutyrate CoA-transferase'
2 non-polymer 'CHLORIDE ION'
3 water water
#
_entity_poly.entity_id   1
_entity_poly.type   'polypeptide(L)'
_entity_poly.pdbx_seq_one_letter_code
;SNA(MSE)KDVLAEYASRIVSAEEAVKHIKNGERVALSHAAGVPQSCVDALVQQADLFQNVEIYH(MSE)LCLGEGKY
(MSE)APE(MSE)APHFRHITNFVGGNSRKAVEENRADFIPVFFYEVPS(MSE)IRKDILHIDVAIVQLS(MSE)PDENG
YCSFGVSCDYSKPAAESAHLVIGEINRQ(MSE)PYVHGDNLIHISKLDYIV(MSE)ADYPIYSLAKPKIGEVEEAIGRNC
AELIEDGATLQLGIGAIPDAALLFLKDKKDLGIHTE(MSE)FSDGVVELVRSGVITGKKKTLHPGK(MSE)VATFL
(MSE)GSEDVYHFIDKNPDVELYPVDYVNDPRVIAQNDN(MSE)VSINSCIEIDL(MSE)GQVVSECIGSKQFSGTGGQV
DYVRGAAWSKNGKSI(MSE)AIPSTAKNGTASRIVPIIAEGAAVTTLRNEVDYVVTEYGIAQLKGKSLRQRAEALIAIAH
PDFREELTKHLRKRFG
;
_entity_poly.pdbx_strand_id   A
#
# COMPACT_ATOMS: atom_id res chain seq x y z
N ALA A 3 -7.25 -23.17 39.65
CA ALA A 3 -8.01 -22.35 38.69
C ALA A 3 -7.04 -21.58 37.81
N LYS A 5 -5.41 -18.70 35.16
CA LYS A 5 -5.28 -17.23 35.13
C LYS A 5 -6.27 -16.57 34.16
N ASP A 6 -7.01 -15.60 34.69
CA ASP A 6 -7.76 -14.61 33.90
C ASP A 6 -6.78 -13.59 33.27
N VAL A 7 -6.33 -13.84 32.03
CA VAL A 7 -5.28 -13.03 31.37
C VAL A 7 -5.64 -11.56 31.14
N LEU A 8 -6.91 -11.20 31.30
CA LEU A 8 -7.39 -9.80 31.19
C LEU A 8 -7.38 -9.06 32.54
N ALA A 9 -7.45 -9.86 33.63
CA ALA A 9 -7.57 -9.38 35.00
C ALA A 9 -6.89 -8.05 35.30
N GLU A 10 -5.58 -7.97 35.11
CA GLU A 10 -4.83 -6.78 35.54
C GLU A 10 -5.29 -5.50 34.87
N TYR A 11 -5.82 -5.65 33.64
CA TYR A 11 -6.20 -4.53 32.83
C TYR A 11 -7.68 -4.20 32.95
N ALA A 12 -8.41 -4.96 33.78
CA ALA A 12 -9.86 -4.83 33.89
C ALA A 12 -10.30 -3.38 34.09
N SER A 13 -9.47 -2.61 34.79
CA SER A 13 -9.81 -1.24 35.16
C SER A 13 -10.03 -0.34 33.96
N ARG A 14 -9.32 -0.61 32.85
CA ARG A 14 -9.41 0.20 31.62
C ARG A 14 -10.23 -0.43 30.49
N ILE A 15 -10.76 -1.62 30.74
CA ILE A 15 -11.53 -2.36 29.73
C ILE A 15 -12.96 -1.81 29.74
N VAL A 16 -13.44 -1.40 28.58
CA VAL A 16 -14.78 -0.79 28.47
C VAL A 16 -15.42 -1.28 27.18
N SER A 17 -16.70 -0.99 27.02
CA SER A 17 -17.37 -1.32 25.79
C SER A 17 -16.91 -0.32 24.72
N ALA A 18 -17.08 -0.70 23.46
CA ALA A 18 -16.78 0.15 22.30
C ALA A 18 -17.49 1.50 22.40
N GLU A 19 -18.76 1.46 22.82
CA GLU A 19 -19.59 2.65 22.99
C GLU A 19 -19.05 3.59 24.08
N GLU A 20 -18.68 3.01 25.22
CA GLU A 20 -18.06 3.75 26.32
C GLU A 20 -16.73 4.40 25.87
N ALA A 21 -15.90 3.65 25.15
CA ALA A 21 -14.60 4.16 24.68
C ALA A 21 -14.75 5.37 23.77
N VAL A 22 -15.55 5.26 22.68
CA VAL A 22 -15.60 6.33 21.68
C VAL A 22 -16.31 7.59 22.22
N LYS A 23 -17.08 7.41 23.27
CA LYS A 23 -17.76 8.50 24.00
C LYS A 23 -16.80 9.66 24.37
N HIS A 24 -15.53 9.33 24.60
CA HIS A 24 -14.52 10.30 25.04
C HIS A 24 -13.85 11.08 23.93
N ILE A 25 -14.28 10.84 22.69
CA ILE A 25 -13.87 11.68 21.57
C ILE A 25 -14.73 12.93 21.63
N LYS A 26 -14.15 14.08 21.30
CA LYS A 26 -14.83 15.37 21.42
C LYS A 26 -14.99 15.99 20.05
N ASN A 27 -16.04 16.79 19.89
CA ASN A 27 -16.32 17.43 18.60
C ASN A 27 -15.12 18.24 18.12
N GLY A 28 -14.90 18.22 16.82
CA GLY A 28 -13.78 18.93 16.23
C GLY A 28 -12.43 18.23 16.29
N GLU A 29 -12.37 17.03 16.87
CA GLU A 29 -11.10 16.30 17.02
C GLU A 29 -10.79 15.51 15.76
N ARG A 30 -9.52 15.23 15.52
CA ARG A 30 -9.13 14.33 14.44
C ARG A 30 -8.82 12.95 15.03
N VAL A 31 -9.44 11.93 14.45
CA VAL A 31 -9.34 10.56 14.95
C VAL A 31 -8.67 9.74 13.87
N ALA A 32 -7.55 9.10 14.22
CA ALA A 32 -6.85 8.21 13.30
C ALA A 32 -7.26 6.78 13.62
N LEU A 33 -7.44 5.96 12.59
CA LEU A 33 -7.85 4.57 12.75
C LEU A 33 -6.78 3.71 12.18
N SER A 34 -6.59 2.51 12.73
CA SER A 34 -5.74 1.52 12.09
C SER A 34 -6.10 1.38 10.61
N HIS A 35 -5.06 1.28 9.79
CA HIS A 35 -5.19 1.27 8.34
C HIS A 35 -5.76 -0.04 7.79
N ALA A 36 -6.50 0.09 6.69
CA ALA A 36 -6.89 -1.03 5.82
C ALA A 36 -7.53 -2.20 6.58
N ALA A 37 -6.91 -3.38 6.54
CA ALA A 37 -7.56 -4.60 7.04
C ALA A 37 -7.70 -4.61 8.55
N GLY A 38 -6.92 -3.75 9.22
CA GLY A 38 -6.93 -3.66 10.66
C GLY A 38 -7.82 -2.59 11.20
N VAL A 39 -8.73 -2.08 10.39
CA VAL A 39 -9.66 -1.06 10.85
C VAL A 39 -10.39 -1.64 12.09
N PRO A 40 -10.45 -0.88 13.17
CA PRO A 40 -11.07 -1.40 14.40
C PRO A 40 -12.62 -1.45 14.28
N GLN A 41 -13.14 -2.59 13.85
CA GLN A 41 -14.55 -2.68 13.49
C GLN A 41 -15.54 -2.38 14.61
N SER A 42 -15.28 -2.82 15.84
CA SER A 42 -16.21 -2.55 16.96
C SER A 42 -16.33 -1.06 17.28
N CYS A 43 -15.20 -0.37 17.30
CA CYS A 43 -15.23 1.06 17.60
C CYS A 43 -15.83 1.84 16.46
N VAL A 44 -15.59 1.43 15.22
CA VAL A 44 -16.19 2.10 14.09
C VAL A 44 -17.71 1.98 14.16
N ASP A 45 -18.21 0.79 14.50
CA ASP A 45 -19.66 0.61 14.65
C ASP A 45 -20.22 1.52 15.72
N ALA A 46 -19.53 1.61 16.85
CA ALA A 46 -19.92 2.52 17.92
C ALA A 46 -19.88 3.98 17.46
N LEU A 47 -18.87 4.35 16.68
CA LEU A 47 -18.80 5.70 16.09
C LEU A 47 -20.03 6.07 15.26
N VAL A 48 -20.43 5.22 14.32
CA VAL A 48 -21.61 5.54 13.49
C VAL A 48 -22.88 5.59 14.35
N GLN A 49 -22.92 4.82 15.44
CA GLN A 49 -24.07 4.80 16.34
C GLN A 49 -24.25 6.12 17.07
N GLN A 50 -23.14 6.70 17.51
CA GLN A 50 -23.12 8.03 18.15
C GLN A 50 -22.92 9.16 17.12
N ALA A 51 -22.85 8.81 15.84
CA ALA A 51 -22.64 9.81 14.77
C ALA A 51 -23.47 11.08 14.95
N ASP A 52 -24.70 10.91 15.45
CA ASP A 52 -25.59 12.03 15.74
C ASP A 52 -24.85 13.14 16.51
N LEU A 53 -24.31 12.83 17.70
CA LEU A 53 -23.60 13.83 18.52
CA LEU A 53 -23.63 13.84 18.51
C LEU A 53 -22.41 14.41 17.78
N PHE A 54 -21.47 13.55 17.37
CA PHE A 54 -20.30 14.01 16.62
C PHE A 54 -20.76 14.69 15.33
N VAL A 57 -16.11 16.07 13.99
CA VAL A 57 -15.04 15.04 14.05
C VAL A 57 -14.50 14.64 12.67
N GLU A 58 -13.17 14.63 12.55
CA GLU A 58 -12.50 14.34 11.30
C GLU A 58 -11.79 13.00 11.38
N ILE A 59 -12.13 12.05 10.51
CA ILE A 59 -11.48 10.75 10.53
C ILE A 59 -10.29 10.85 9.60
N TYR A 60 -9.10 10.58 10.13
CA TYR A 60 -7.91 10.53 9.26
C TYR A 60 -7.70 9.09 8.86
N HIS A 61 -7.70 8.84 7.55
CA HIS A 61 -7.53 7.49 7.00
C HIS A 61 -6.85 7.61 5.62
N LEU A 63 -7.80 5.37 2.96
CA LEU A 63 -8.57 4.43 2.18
C LEU A 63 -9.24 5.13 1.01
N CYS A 64 -9.48 4.36 -0.04
CA CYS A 64 -10.35 4.80 -1.13
C CYS A 64 -11.75 4.31 -0.86
N LEU A 65 -12.55 5.17 -0.23
CA LEU A 65 -13.92 4.85 0.07
C LEU A 65 -14.70 4.93 -1.25
N GLY A 66 -15.46 3.88 -1.56
CA GLY A 66 -16.16 3.80 -2.85
C GLY A 66 -15.29 3.28 -3.99
N GLU A 67 -14.14 2.72 -3.63
CA GLU A 67 -13.30 1.95 -4.55
C GLU A 67 -12.86 0.67 -3.83
N GLY A 68 -12.68 -0.42 -4.59
CA GLY A 68 -12.12 -1.68 -4.05
C GLY A 68 -12.72 -2.18 -2.73
N ARG A 98 -12.89 15.29 -0.52
CA ARG A 98 -11.67 15.84 -1.10
C ARG A 98 -11.15 17.09 -0.34
N ALA A 99 -12.04 17.92 0.23
CA ALA A 99 -11.60 19.16 0.94
C ALA A 99 -10.59 18.89 2.06
N ASP A 100 -10.82 17.82 2.81
CA ASP A 100 -10.00 17.51 3.95
C ASP A 100 -8.84 16.59 3.62
N PHE A 101 -8.71 16.21 2.35
CA PHE A 101 -7.58 15.38 1.93
C PHE A 101 -6.28 16.14 2.18
N ILE A 102 -5.28 15.45 2.71
CA ILE A 102 -3.98 16.06 3.02
C ILE A 102 -2.90 15.43 2.17
N PRO A 103 -2.46 16.14 1.10
CA PRO A 103 -1.36 15.56 0.28
C PRO A 103 -0.06 15.43 1.07
N VAL A 104 0.53 14.24 1.08
CA VAL A 104 1.73 14.02 1.85
C VAL A 104 2.37 12.77 1.27
N PHE A 105 3.68 12.63 1.35
CA PHE A 105 4.30 11.35 1.02
C PHE A 105 4.03 10.40 2.19
N PHE A 106 3.68 9.16 1.88
CA PHE A 106 3.31 8.20 2.91
C PHE A 106 4.43 8.06 3.98
N TYR A 107 5.67 7.88 3.55
CA TYR A 107 6.80 7.76 4.50
C TYR A 107 7.01 8.97 5.43
N GLU A 108 6.49 10.14 5.04
CA GLU A 108 6.61 11.36 5.80
C GLU A 108 5.52 11.57 6.86
N VAL A 109 4.45 10.78 6.77
CA VAL A 109 3.34 10.94 7.70
C VAL A 109 3.73 10.82 9.18
N PRO A 110 4.50 9.79 9.57
CA PRO A 110 4.83 9.67 11.01
C PRO A 110 5.56 10.89 11.60
N SER A 111 6.55 11.44 10.88
CA SER A 111 7.22 12.64 11.41
C SER A 111 6.28 13.85 11.46
N ILE A 113 3.16 13.62 12.03
CA ILE A 113 2.35 13.36 13.19
C ILE A 113 3.14 13.75 14.45
N ARG A 114 4.39 13.30 14.54
CA ARG A 114 5.20 13.59 15.73
C ARG A 114 5.50 15.06 15.91
N LYS A 115 5.60 15.80 14.81
CA LYS A 115 5.82 17.25 14.87
C LYS A 115 4.53 18.07 14.99
N ASP A 116 3.41 17.41 15.29
CA ASP A 116 2.11 18.07 15.33
C ASP A 116 1.74 18.88 14.08
N ILE A 117 2.42 18.66 12.97
CA ILE A 117 1.99 19.24 11.71
C ILE A 117 0.70 18.58 11.21
N LEU A 118 0.55 17.27 11.43
CA LEU A 118 -0.73 16.58 11.26
C LEU A 118 -1.11 16.09 12.63
N HIS A 119 -2.01 16.83 13.28
CA HIS A 119 -2.34 16.59 14.67
C HIS A 119 -3.42 15.54 14.78
N ILE A 120 -3.20 14.56 15.65
CA ILE A 120 -4.16 13.50 15.88
C ILE A 120 -4.56 13.55 17.36
N ASP A 121 -5.84 13.79 17.62
CA ASP A 121 -6.29 13.87 18.97
C ASP A 121 -6.54 12.47 19.56
N VAL A 122 -7.01 11.55 18.72
CA VAL A 122 -7.42 10.23 19.14
C VAL A 122 -6.92 9.19 18.14
N ALA A 123 -6.30 8.12 18.65
CA ALA A 123 -5.89 6.98 17.83
C ALA A 123 -6.73 5.81 18.28
N ILE A 124 -7.48 5.22 17.37
CA ILE A 124 -8.19 3.97 17.66
C ILE A 124 -7.44 2.91 16.86
N VAL A 125 -6.66 2.09 17.57
CA VAL A 125 -5.89 1.06 16.92
C VAL A 125 -6.34 -0.35 17.32
N GLN A 126 -6.44 -1.23 16.33
CA GLN A 126 -6.66 -2.63 16.57
C GLN A 126 -5.34 -3.36 16.89
N LEU A 127 -5.38 -4.21 17.92
CA LEU A 127 -4.19 -4.87 18.42
C LEU A 127 -4.42 -6.35 18.70
N SER A 128 -3.33 -7.10 18.73
CA SER A 128 -3.36 -8.48 19.17
C SER A 128 -3.41 -8.50 20.67
N PRO A 130 -2.19 -9.06 24.42
CA PRO A 130 -0.88 -8.82 25.00
C PRO A 130 -0.12 -10.11 25.27
N ASP A 131 1.18 -10.03 25.07
CA ASP A 131 2.04 -11.11 25.46
C ASP A 131 2.22 -11.04 26.98
N GLU A 132 3.10 -11.91 27.48
CA GLU A 132 3.35 -12.05 28.92
C GLU A 132 3.98 -10.79 29.54
N ASN A 133 4.69 -10.04 28.70
CA ASN A 133 5.35 -8.80 29.08
C ASN A 133 4.46 -7.55 28.99
N GLY A 134 3.22 -7.75 28.55
CA GLY A 134 2.24 -6.69 28.46
C GLY A 134 2.29 -5.93 27.14
N TYR A 135 2.97 -6.49 26.16
CA TYR A 135 3.03 -5.88 24.84
C TYR A 135 2.01 -6.46 23.87
N CYS A 136 1.26 -5.57 23.22
CA CYS A 136 0.36 -5.93 22.13
C CYS A 136 1.03 -5.60 20.83
N SER A 137 0.77 -6.42 19.83
CA SER A 137 1.18 -6.13 18.46
C SER A 137 0.11 -5.32 17.70
N PHE A 138 0.57 -4.50 16.75
CA PHE A 138 -0.35 -3.80 15.85
C PHE A 138 -0.84 -4.75 14.74
N GLY A 139 -0.50 -6.04 14.84
CA GLY A 139 -0.92 -7.03 13.85
C GLY A 139 -0.60 -6.59 12.41
N VAL A 140 -1.62 -6.58 11.58
CA VAL A 140 -1.51 -6.33 10.14
C VAL A 140 -1.41 -4.83 9.77
N SER A 141 -1.49 -3.91 10.73
CA SER A 141 -1.47 -2.47 10.46
C SER A 141 -0.47 -1.71 11.33
N CYS A 142 0.75 -1.59 10.81
CA CYS A 142 1.81 -0.86 11.48
C CYS A 142 1.85 0.54 10.89
N ASP A 143 2.32 0.65 9.64
CA ASP A 143 2.09 1.85 8.82
C ASP A 143 2.18 3.22 9.56
N TYR A 144 1.12 4.01 9.58
CA TYR A 144 1.06 5.19 10.41
C TYR A 144 0.26 4.93 11.68
N SER A 145 -0.38 3.76 11.75
CA SER A 145 -1.25 3.41 12.87
C SER A 145 -0.45 3.39 14.17
N LYS A 146 0.74 2.78 14.12
CA LYS A 146 1.61 2.72 15.29
C LYS A 146 2.12 4.11 15.68
N PRO A 147 2.71 4.86 14.73
CA PRO A 147 3.07 6.25 15.01
C PRO A 147 1.90 7.07 15.57
N ALA A 148 0.68 6.88 15.06
CA ALA A 148 -0.47 7.61 15.60
C ALA A 148 -0.69 7.26 17.08
N ALA A 149 -0.70 5.97 17.39
CA ALA A 149 -0.89 5.51 18.76
C ALA A 149 0.21 6.07 19.68
N GLU A 150 1.41 6.24 19.16
CA GLU A 150 2.50 6.70 20.00
C GLU A 150 2.47 8.19 20.22
N SER A 151 1.68 8.91 19.44
CA SER A 151 1.60 10.35 19.56
C SER A 151 0.27 10.93 20.04
N ALA A 152 -0.84 10.22 19.89
CA ALA A 152 -2.16 10.80 20.13
C ALA A 152 -2.38 11.08 21.61
N HIS A 153 -3.14 12.14 21.86
CA HIS A 153 -3.54 12.58 23.19
C HIS A 153 -4.31 11.47 23.91
N LEU A 154 -5.16 10.78 23.15
CA LEU A 154 -6.02 9.68 23.67
C LEU A 154 -5.88 8.48 22.75
N VAL A 155 -5.66 7.32 23.35
CA VAL A 155 -5.43 6.11 22.63
C VAL A 155 -6.43 5.06 23.10
N ILE A 156 -7.20 4.57 22.14
CA ILE A 156 -8.12 3.45 22.33
C ILE A 156 -7.53 2.25 21.61
N GLY A 157 -7.28 1.18 22.35
CA GLY A 157 -6.77 -0.06 21.80
C GLY A 157 -7.90 -1.07 21.71
N GLU A 158 -8.18 -1.53 20.50
CA GLU A 158 -9.21 -2.56 20.29
C GLU A 158 -8.50 -3.91 20.21
N ILE A 159 -8.54 -4.67 21.30
CA ILE A 159 -7.81 -5.94 21.35
C ILE A 159 -8.69 -7.09 20.83
N ASN A 160 -8.34 -7.55 19.65
CA ASN A 160 -9.12 -8.58 18.98
C ASN A 160 -8.41 -9.94 19.09
N ARG A 161 -9.14 -10.92 19.57
CA ARG A 161 -8.56 -12.26 19.72
C ARG A 161 -8.08 -12.78 18.37
N GLN A 162 -8.66 -12.27 17.30
CA GLN A 162 -8.33 -12.74 15.95
C GLN A 162 -7.32 -11.89 15.22
N PRO A 164 -3.75 -11.08 14.40
CA PRO A 164 -2.55 -11.87 14.61
C PRO A 164 -1.45 -11.09 15.30
N TYR A 165 -0.54 -11.81 15.94
CA TYR A 165 0.63 -11.21 16.57
C TYR A 165 1.70 -11.17 15.51
N VAL A 166 2.06 -9.98 15.07
CA VAL A 166 3.02 -9.84 13.97
C VAL A 166 4.32 -9.20 14.45
N HIS A 167 5.41 -9.82 14.01
CA HIS A 167 6.74 -9.42 14.39
C HIS A 167 7.22 -8.14 13.74
N GLY A 168 8.41 -7.71 14.15
CA GLY A 168 9.04 -6.47 13.69
C GLY A 168 8.93 -5.39 14.76
N ASP A 169 9.14 -4.13 14.36
CA ASP A 169 8.97 -2.98 15.26
C ASP A 169 7.49 -2.62 15.28
N ASN A 170 6.72 -3.43 16.01
CA ASN A 170 5.29 -3.50 15.82
C ASN A 170 4.53 -3.78 17.11
N LEU A 171 5.08 -3.29 18.22
CA LEU A 171 4.52 -3.52 19.55
C LEU A 171 4.24 -2.22 20.26
N ILE A 172 3.36 -2.30 21.24
CA ILE A 172 3.10 -1.20 22.13
C ILE A 172 2.71 -1.81 23.48
N HIS A 173 3.22 -1.22 24.56
CA HIS A 173 2.87 -1.67 25.86
C HIS A 173 1.44 -1.26 26.19
N ILE A 174 0.75 -2.18 26.83
CA ILE A 174 -0.66 -2.05 27.10
C ILE A 174 -0.96 -0.88 28.04
N SER A 175 0.06 -0.46 28.81
CA SER A 175 -0.06 0.66 29.75
C SER A 175 -0.22 1.99 29.00
N LYS A 176 0.13 2.04 27.71
CA LYS A 176 -0.07 3.25 26.92
C LYS A 176 -1.54 3.44 26.49
N LEU A 177 -2.41 2.45 26.68
CA LEU A 177 -3.78 2.52 26.21
C LEU A 177 -4.67 3.18 27.25
N ASP A 178 -5.36 4.27 26.88
CA ASP A 178 -6.27 4.94 27.80
C ASP A 178 -7.54 4.12 27.99
N TYR A 179 -8.04 3.55 26.89
CA TYR A 179 -9.12 2.57 27.00
C TYR A 179 -8.83 1.36 26.18
N ILE A 180 -9.34 0.23 26.68
CA ILE A 180 -9.22 -1.05 26.01
C ILE A 180 -10.62 -1.59 25.68
N VAL A 181 -10.83 -1.90 24.42
CA VAL A 181 -12.10 -2.46 23.99
C VAL A 181 -11.86 -3.90 23.53
N ALA A 183 -12.51 -7.50 21.75
CA ALA A 183 -13.25 -7.95 20.57
C ALA A 183 -12.86 -9.38 20.12
N ASP A 184 -13.68 -9.97 19.26
CA ASP A 184 -13.39 -11.28 18.68
C ASP A 184 -14.11 -11.41 17.34
N TYR A 185 -13.42 -11.09 16.26
CA TYR A 185 -14.07 -11.08 14.97
C TYR A 185 -13.03 -11.21 13.90
N PRO A 186 -13.38 -11.82 12.77
CA PRO A 186 -12.41 -11.94 11.71
C PRO A 186 -12.07 -10.55 11.14
N ILE A 187 -10.80 -10.27 10.96
CA ILE A 187 -10.44 -8.97 10.40
C ILE A 187 -10.84 -8.94 8.92
N TYR A 188 -10.84 -7.77 8.29
CA TYR A 188 -11.24 -7.68 6.87
C TYR A 188 -10.31 -8.52 6.02
N SER A 189 -10.90 -9.34 5.13
CA SER A 189 -10.13 -10.12 4.20
C SER A 189 -10.46 -9.78 2.75
N LEU A 190 -9.57 -10.20 1.87
CA LEU A 190 -9.70 -10.00 0.45
C LEU A 190 -9.71 -11.35 -0.21
N ALA A 191 -10.64 -11.51 -1.15
CA ALA A 191 -10.58 -12.59 -2.12
C ALA A 191 -9.73 -12.12 -3.29
N LYS A 192 -9.01 -13.06 -3.89
CA LYS A 192 -8.18 -12.74 -5.07
C LYS A 192 -9.12 -12.61 -6.26
N PRO A 193 -8.89 -11.59 -7.11
CA PRO A 193 -9.77 -11.33 -8.25
C PRO A 193 -9.46 -12.21 -9.44
N LYS A 194 -10.40 -12.29 -10.38
CA LYS A 194 -10.16 -13.03 -11.61
C LYS A 194 -9.06 -12.31 -12.40
N ILE A 195 -8.13 -13.07 -12.95
CA ILE A 195 -7.12 -12.55 -13.86
C ILE A 195 -7.62 -12.74 -15.30
N GLY A 196 -7.79 -11.66 -16.05
CA GLY A 196 -8.15 -11.74 -17.46
C GLY A 196 -6.90 -11.81 -18.33
N GLU A 197 -7.08 -11.88 -19.65
CA GLU A 197 -5.94 -12.01 -20.56
C GLU A 197 -5.11 -10.69 -20.65
N VAL A 198 -5.75 -9.54 -20.46
CA VAL A 198 -5.03 -8.28 -20.37
C VAL A 198 -4.07 -8.35 -19.17
N GLU A 199 -4.58 -8.73 -18.01
CA GLU A 199 -3.77 -8.80 -16.80
C GLU A 199 -2.67 -9.85 -16.91
N GLU A 200 -2.99 -10.94 -17.56
CA GLU A 200 -2.01 -11.97 -17.77
C GLU A 200 -0.85 -11.48 -18.63
N ALA A 201 -1.17 -10.79 -19.72
CA ALA A 201 -0.18 -10.19 -20.60
C ALA A 201 0.72 -9.21 -19.84
N ILE A 202 0.11 -8.35 -19.01
CA ILE A 202 0.86 -7.39 -18.18
C ILE A 202 1.81 -8.15 -17.22
N GLY A 203 1.26 -9.16 -16.55
CA GLY A 203 2.02 -9.94 -15.58
C GLY A 203 3.24 -10.58 -16.19
N ARG A 204 3.07 -11.10 -17.40
CA ARG A 204 4.13 -11.77 -18.12
CA ARG A 204 4.12 -11.76 -18.14
C ARG A 204 5.24 -10.79 -18.47
N ASN A 205 4.87 -9.57 -18.88
CA ASN A 205 5.84 -8.51 -19.14
C ASN A 205 6.56 -8.09 -17.87
N CYS A 206 5.84 -7.98 -16.76
CA CYS A 206 6.48 -7.64 -15.50
C CYS A 206 7.52 -8.68 -15.14
N ALA A 207 7.16 -9.96 -15.25
CA ALA A 207 8.08 -11.07 -14.90
C ALA A 207 9.38 -11.05 -15.68
N GLU A 208 9.28 -10.64 -16.93
CA GLU A 208 10.44 -10.47 -17.78
C GLU A 208 11.45 -9.51 -17.17
N LEU A 209 10.97 -8.57 -16.35
CA LEU A 209 11.86 -7.52 -15.86
C LEU A 209 12.45 -7.89 -14.49
N ILE A 210 12.01 -9.03 -13.95
CA ILE A 210 12.41 -9.48 -12.63
C ILE A 210 13.44 -10.60 -12.75
N GLU A 211 14.66 -10.35 -12.30
CA GLU A 211 15.71 -11.33 -12.37
C GLU A 211 15.87 -12.04 -11.03
N ASP A 212 16.59 -13.15 -11.05
CA ASP A 212 16.80 -13.92 -9.85
C ASP A 212 17.43 -13.02 -8.84
N GLY A 213 17.00 -13.13 -7.60
CA GLY A 213 17.55 -12.35 -6.51
C GLY A 213 16.92 -10.97 -6.33
N ALA A 214 15.91 -10.63 -7.15
CA ALA A 214 15.29 -9.31 -7.04
C ALA A 214 14.58 -9.19 -5.70
N THR A 215 14.53 -7.96 -5.16
CA THR A 215 13.68 -7.62 -4.02
C THR A 215 12.48 -6.89 -4.54
N LEU A 216 11.30 -7.38 -4.19
CA LEU A 216 10.09 -6.85 -4.80
C LEU A 216 9.27 -5.95 -3.89
N GLN A 217 8.66 -4.93 -4.49
CA GLN A 217 7.53 -4.24 -3.90
C GLN A 217 6.41 -4.30 -4.91
N LEU A 218 5.24 -4.72 -4.46
CA LEU A 218 4.05 -4.70 -5.32
C LEU A 218 2.82 -4.79 -4.45
N GLY A 219 1.68 -4.52 -5.07
CA GLY A 219 0.39 -4.47 -4.32
C GLY A 219 -0.52 -5.69 -4.50
N ILE A 220 -1.82 -5.40 -4.49
CA ILE A 220 -2.88 -6.38 -4.66
C ILE A 220 -3.70 -6.04 -5.89
N GLY A 221 -4.46 -7.02 -6.35
CA GLY A 221 -5.23 -6.85 -7.57
C GLY A 221 -4.71 -7.80 -8.63
N ALA A 222 -5.45 -7.85 -9.74
CA ALA A 222 -5.19 -8.84 -10.79
C ALA A 222 -3.80 -8.71 -11.39
N ILE A 223 -3.30 -7.49 -11.50
CA ILE A 223 -1.99 -7.21 -12.15
C ILE A 223 -0.82 -7.76 -11.34
N PRO A 224 -0.72 -7.35 -10.07
CA PRO A 224 0.36 -7.91 -9.28
C PRO A 224 0.25 -9.42 -9.10
N ASP A 225 -0.97 -9.94 -8.93
CA ASP A 225 -1.18 -11.39 -8.80
C ASP A 225 -0.70 -12.08 -10.07
N ALA A 226 -1.04 -11.49 -11.22
CA ALA A 226 -0.64 -12.07 -12.50
C ALA A 226 0.87 -12.03 -12.66
N ALA A 227 1.50 -10.95 -12.19
CA ALA A 227 2.96 -10.89 -12.22
C ALA A 227 3.59 -12.03 -11.39
N LEU A 228 3.07 -12.25 -10.19
CA LEU A 228 3.61 -13.26 -9.27
C LEU A 228 3.41 -14.68 -9.85
N LEU A 229 2.31 -14.88 -10.56
CA LEU A 229 2.04 -16.15 -11.18
C LEU A 229 3.10 -16.49 -12.23
N PHE A 230 3.72 -15.49 -12.85
CA PHE A 230 4.79 -15.76 -13.81
C PHE A 230 6.17 -15.76 -13.23
N LEU A 231 6.27 -15.75 -11.90
CA LEU A 231 7.57 -15.81 -11.21
C LEU A 231 7.91 -17.18 -10.59
N LYS A 232 7.21 -18.23 -10.98
CA LYS A 232 7.42 -19.55 -10.36
C LYS A 232 8.77 -20.18 -10.71
N ASP A 233 9.36 -19.73 -11.81
CA ASP A 233 10.68 -20.19 -12.23
C ASP A 233 11.83 -19.29 -11.70
N LYS A 234 11.52 -18.30 -10.87
CA LYS A 234 12.57 -17.41 -10.38
C LYS A 234 13.18 -18.00 -9.12
N LYS A 235 14.39 -17.53 -8.81
CA LYS A 235 15.16 -18.02 -7.67
C LYS A 235 15.49 -16.93 -6.65
N ASP A 236 15.34 -17.24 -5.37
CA ASP A 236 15.69 -16.35 -4.24
C ASP A 236 15.30 -14.89 -4.37
N LEU A 237 14.03 -14.66 -4.69
CA LEU A 237 13.46 -13.32 -4.62
C LEU A 237 13.25 -12.97 -3.17
N GLY A 238 13.25 -11.66 -2.89
CA GLY A 238 13.01 -11.14 -1.55
C GLY A 238 11.88 -10.12 -1.55
N ILE A 239 11.41 -9.78 -0.37
CA ILE A 239 10.33 -8.82 -0.21
C ILE A 239 10.71 -7.61 0.67
N HIS A 240 10.58 -6.41 0.09
CA HIS A 240 10.61 -5.16 0.83
C HIS A 240 9.58 -4.28 0.16
N THR A 241 8.42 -4.24 0.79
CA THR A 241 7.20 -3.83 0.15
C THR A 241 6.35 -2.98 1.07
N GLU A 242 5.45 -2.21 0.50
CA GLU A 242 4.52 -1.48 1.33
C GLU A 242 3.56 -2.48 1.99
N PHE A 244 1.97 -6.83 1.39
CA PHE A 244 1.81 -8.05 0.59
C PHE A 244 0.55 -8.80 0.99
N SER A 245 0.28 -9.87 0.26
CA SER A 245 -0.99 -10.56 0.36
C SER A 245 -0.78 -12.02 -0.03
N ASP A 246 -1.87 -12.66 -0.50
CA ASP A 246 -1.88 -14.09 -0.74
C ASP A 246 -0.87 -14.52 -1.76
N GLY A 247 -0.75 -13.75 -2.83
CA GLY A 247 0.12 -14.09 -3.97
C GLY A 247 1.58 -14.22 -3.57
N VAL A 248 2.04 -13.35 -2.67
CA VAL A 248 3.41 -13.38 -2.17
C VAL A 248 3.61 -14.61 -1.31
N VAL A 249 2.68 -14.86 -0.38
CA VAL A 249 2.79 -16.00 0.53
C VAL A 249 2.85 -17.32 -0.24
N GLU A 250 2.13 -17.40 -1.35
CA GLU A 250 2.14 -18.60 -2.19
C GLU A 250 3.53 -18.85 -2.74
N LEU A 251 4.22 -17.78 -3.14
CA LEU A 251 5.59 -17.94 -3.63
C LEU A 251 6.59 -18.19 -2.50
N VAL A 252 6.26 -17.81 -1.27
CA VAL A 252 7.13 -18.20 -0.16
C VAL A 252 6.97 -19.69 0.05
N ARG A 253 5.73 -20.16 0.13
CA ARG A 253 5.46 -21.56 0.41
C ARG A 253 6.06 -22.44 -0.67
N SER A 254 6.13 -21.94 -1.89
CA SER A 254 6.72 -22.74 -2.97
C SER A 254 8.24 -22.58 -3.14
N GLY A 255 8.90 -21.81 -2.28
CA GLY A 255 10.35 -21.72 -2.32
C GLY A 255 10.97 -20.68 -3.26
N VAL A 256 10.16 -19.89 -3.94
CA VAL A 256 10.72 -18.86 -4.82
C VAL A 256 11.20 -17.63 -4.02
N ILE A 257 10.37 -17.17 -3.10
CA ILE A 257 10.68 -15.99 -2.30
C ILE A 257 11.31 -16.46 -1.01
N THR A 258 12.64 -16.35 -0.93
CA THR A 258 13.42 -16.81 0.24
C THR A 258 14.00 -15.65 1.06
N GLY A 259 14.10 -14.49 0.45
CA GLY A 259 14.85 -13.38 1.04
C GLY A 259 16.34 -13.61 1.13
N LYS A 260 16.85 -14.66 0.50
CA LYS A 260 18.20 -15.10 0.80
C LYS A 260 19.26 -14.24 0.15
N LYS A 261 18.91 -13.50 -0.92
CA LYS A 261 19.87 -12.62 -1.57
C LYS A 261 19.67 -11.15 -1.20
N LYS A 262 18.87 -10.88 -0.16
CA LYS A 262 18.56 -9.51 0.21
C LYS A 262 19.75 -8.91 0.96
N THR A 263 19.98 -7.62 0.76
CA THR A 263 21.07 -6.93 1.41
C THR A 263 20.59 -6.14 2.63
N LEU A 264 19.28 -6.10 2.85
CA LEU A 264 18.70 -5.55 4.06
C LEU A 264 17.67 -6.56 4.55
N HIS A 265 17.66 -6.83 5.84
CA HIS A 265 16.75 -7.78 6.44
C HIS A 265 16.71 -9.09 5.66
N PRO A 266 17.87 -9.77 5.52
CA PRO A 266 17.93 -11.01 4.78
C PRO A 266 17.06 -12.08 5.40
N GLY A 267 16.42 -12.86 4.53
CA GLY A 267 15.52 -13.91 4.95
C GLY A 267 14.17 -13.47 5.49
N LYS A 268 13.88 -12.17 5.48
CA LYS A 268 12.65 -11.66 6.05
C LYS A 268 11.76 -11.01 4.99
N VAL A 270 9.57 -7.96 4.62
CA VAL A 270 9.42 -6.68 5.31
C VAL A 270 8.32 -5.88 4.61
N ALA A 271 7.40 -5.34 5.40
CA ALA A 271 6.24 -4.62 4.92
C ALA A 271 5.85 -3.61 5.99
N THR A 272 4.85 -2.77 5.71
CA THR A 272 4.32 -1.83 6.71
C THR A 272 2.88 -2.12 7.05
N PHE A 273 2.13 -2.76 6.15
CA PHE A 273 0.79 -3.29 6.44
C PHE A 273 0.52 -4.53 5.57
N LEU A 274 -0.51 -5.29 5.96
CA LEU A 274 -0.84 -6.56 5.29
C LEU A 274 -2.33 -6.67 5.12
N GLY A 276 -5.20 -9.72 3.11
CA GLY A 276 -5.39 -10.89 2.27
C GLY A 276 -6.45 -11.78 2.85
N SER A 277 -6.35 -13.08 2.57
CA SER A 277 -7.32 -14.02 3.06
C SER A 277 -7.02 -14.39 4.50
N GLU A 278 -7.95 -15.10 5.11
CA GLU A 278 -7.74 -15.64 6.44
C GLU A 278 -6.47 -16.48 6.49
N ASP A 279 -6.14 -17.12 5.37
CA ASP A 279 -4.92 -17.89 5.27
C ASP A 279 -3.67 -17.04 5.47
N VAL A 280 -3.62 -15.85 4.87
CA VAL A 280 -2.45 -14.97 5.06
C VAL A 280 -2.27 -14.60 6.53
N TYR A 281 -3.39 -14.29 7.18
CA TYR A 281 -3.38 -13.89 8.56
C TYR A 281 -2.93 -15.02 9.51
N HIS A 282 -3.23 -16.28 9.16
CA HIS A 282 -2.69 -17.43 9.90
C HIS A 282 -1.19 -17.62 9.63
N PHE A 283 -0.78 -17.53 8.36
CA PHE A 283 0.64 -17.68 8.01
C PHE A 283 1.57 -16.66 8.72
N ILE A 284 1.11 -15.43 8.93
CA ILE A 284 1.95 -14.40 9.52
C ILE A 284 1.94 -14.43 11.05
N ASP A 285 0.96 -15.11 11.64
CA ASP A 285 0.76 -15.07 13.09
C ASP A 285 1.96 -15.70 13.79
N LYS A 286 2.65 -14.92 14.62
CA LYS A 286 3.85 -15.40 15.32
C LYS A 286 4.92 -15.96 14.37
N ASN A 287 4.97 -15.45 13.15
CA ASN A 287 5.95 -15.91 12.17
C ASN A 287 7.11 -14.93 12.13
N PRO A 288 8.28 -15.33 12.67
CA PRO A 288 9.36 -14.35 12.75
C PRO A 288 10.00 -13.99 11.41
N ASP A 289 9.66 -14.71 10.34
CA ASP A 289 10.17 -14.34 9.02
C ASP A 289 9.38 -13.18 8.41
N VAL A 290 8.31 -12.75 9.06
CA VAL A 290 7.51 -11.60 8.63
C VAL A 290 7.72 -10.50 9.64
N GLU A 291 8.18 -9.34 9.16
CA GLU A 291 8.44 -8.22 10.03
C GLU A 291 7.79 -6.96 9.49
N LEU A 292 6.90 -6.38 10.29
CA LEU A 292 6.36 -5.07 9.95
C LEU A 292 7.10 -3.99 10.72
N TYR A 293 7.29 -2.86 10.03
CA TYR A 293 7.85 -1.64 10.63
C TYR A 293 6.97 -0.46 10.23
N PRO A 294 7.05 0.63 10.99
CA PRO A 294 6.29 1.80 10.61
C PRO A 294 6.72 2.39 9.26
N VAL A 295 5.79 3.10 8.66
CA VAL A 295 5.95 3.50 7.28
C VAL A 295 7.17 4.44 7.06
N ASP A 296 7.56 5.21 8.08
CA ASP A 296 8.71 6.09 7.96
C ASP A 296 10.01 5.32 7.89
N TYR A 297 10.00 4.02 8.22
CA TYR A 297 11.13 3.18 7.98
C TYR A 297 10.99 2.49 6.63
N VAL A 298 9.91 1.73 6.44
CA VAL A 298 9.77 0.88 5.23
C VAL A 298 9.75 1.65 3.92
N ASN A 299 9.04 2.77 3.89
CA ASN A 299 8.81 3.51 2.65
C ASN A 299 9.82 4.65 2.44
N ASP A 300 10.78 4.78 3.35
CA ASP A 300 11.78 5.83 3.19
C ASP A 300 12.64 5.45 1.96
N PRO A 301 12.68 6.31 0.95
CA PRO A 301 13.52 5.97 -0.22
C PRO A 301 14.95 5.57 0.15
N ARG A 302 15.52 6.19 1.19
CA ARG A 302 16.88 5.84 1.63
C ARG A 302 16.99 4.44 2.24
N VAL A 303 15.89 3.92 2.79
CA VAL A 303 15.89 2.57 3.35
C VAL A 303 15.59 1.56 2.25
N ILE A 304 14.59 1.89 1.44
CA ILE A 304 14.28 1.07 0.28
C ILE A 304 15.57 0.85 -0.53
N ALA A 305 16.31 1.93 -0.77
CA ALA A 305 17.57 1.87 -1.57
C ALA A 305 18.64 0.90 -1.07
N GLN A 306 18.58 0.55 0.22
CA GLN A 306 19.58 -0.34 0.77
C GLN A 306 19.34 -1.81 0.38
N ASN A 307 18.19 -2.09 -0.26
CA ASN A 307 17.88 -3.41 -0.82
C ASN A 307 18.38 -3.41 -2.23
N ASP A 308 19.41 -4.19 -2.54
CA ASP A 308 19.83 -4.29 -3.95
C ASP A 308 18.74 -4.93 -4.83
N ASN A 309 18.78 -4.59 -6.12
CA ASN A 309 17.91 -5.18 -7.13
C ASN A 309 16.42 -5.02 -6.85
N VAL A 311 12.71 -4.20 -7.53
CA VAL A 311 11.73 -4.08 -8.59
C VAL A 311 10.43 -3.66 -7.90
N SER A 312 9.99 -2.46 -8.25
CA SER A 312 8.78 -1.90 -7.71
C SER A 312 7.71 -1.96 -8.80
N ILE A 313 6.54 -2.53 -8.50
CA ILE A 313 5.41 -2.62 -9.42
C ILE A 313 4.19 -1.92 -8.83
N ASN A 314 3.71 -0.92 -9.55
CA ASN A 314 2.51 -0.19 -9.17
C ASN A 314 1.67 0.14 -10.41
N SER A 315 0.41 0.49 -10.19
CA SER A 315 -0.49 0.92 -11.25
C SER A 315 -0.86 2.37 -11.03
N CYS A 316 -1.48 2.96 -12.05
CA CYS A 316 -1.94 4.34 -11.96
C CYS A 316 -3.21 4.50 -12.83
N ILE A 317 -3.83 5.67 -12.82
CA ILE A 317 -5.06 5.92 -13.58
C ILE A 317 -4.70 6.29 -15.01
N GLU A 318 -3.74 7.19 -15.17
CA GLU A 318 -3.31 7.58 -16.52
C GLU A 318 -1.88 8.06 -16.53
N ILE A 319 -1.29 8.00 -17.72
CA ILE A 319 0.05 8.52 -17.99
C ILE A 319 0.01 9.28 -19.31
N ASP A 320 0.59 10.47 -19.31
CA ASP A 320 0.57 11.26 -20.51
C ASP A 320 1.78 10.94 -21.37
N LEU A 321 1.80 11.50 -22.56
CA LEU A 321 2.86 11.18 -23.53
C LEU A 321 4.26 11.64 -23.12
N GLY A 323 5.25 11.20 -19.97
CA GLY A 323 5.54 10.32 -18.86
C GLY A 323 5.02 10.78 -17.51
N GLN A 324 4.19 11.84 -17.42
CA GLN A 324 3.65 12.21 -16.09
C GLN A 324 2.63 11.16 -15.67
N VAL A 325 2.65 10.75 -14.40
CA VAL A 325 1.83 9.68 -13.87
C VAL A 325 0.83 10.26 -12.90
N VAL A 326 -0.44 9.96 -13.15
CA VAL A 326 -1.52 10.33 -12.24
C VAL A 326 -2.06 9.06 -11.61
N SER A 327 -2.00 9.02 -10.30
CA SER A 327 -2.52 7.91 -9.54
C SER A 327 -3.35 8.46 -8.36
N GLU A 328 -4.66 8.32 -8.42
CA GLU A 328 -5.56 8.80 -7.38
C GLU A 328 -6.49 7.62 -6.98
N CYS A 329 -7.27 7.79 -5.91
CA CYS A 329 -8.28 6.78 -5.54
C CYS A 329 -9.35 6.55 -6.62
N ILE A 330 -9.96 7.64 -7.12
CA ILE A 330 -11.08 7.55 -8.09
C ILE A 330 -10.63 6.90 -9.40
N GLY A 331 -11.30 5.81 -9.76
CA GLY A 331 -10.93 5.01 -10.92
C GLY A 331 -9.98 3.88 -10.62
N SER A 332 -9.39 3.85 -9.42
CA SER A 332 -8.34 2.89 -9.09
C SER A 332 -8.83 1.45 -8.83
N LYS A 333 -10.09 1.31 -8.43
CA LYS A 333 -10.65 0.04 -7.96
C LYS A 333 -9.75 -0.58 -6.89
N GLN A 334 -9.43 0.22 -5.87
CA GLN A 334 -8.49 -0.17 -4.81
C GLN A 334 -8.97 0.31 -3.44
N PHE A 335 -8.72 -0.48 -2.39
CA PHE A 335 -9.15 -0.15 -1.01
C PHE A 335 -8.18 0.84 -0.31
N SER A 336 -6.89 0.72 -0.60
CA SER A 336 -5.85 1.56 0.03
C SER A 336 -5.37 2.64 -0.94
N GLY A 337 -5.45 3.90 -0.49
CA GLY A 337 -5.00 5.03 -1.28
C GLY A 337 -3.94 5.80 -0.53
N THR A 338 -2.83 5.13 -0.26
CA THR A 338 -1.75 5.71 0.54
C THR A 338 -0.87 6.69 -0.28
N GLY A 339 -0.92 6.59 -1.60
CA GLY A 339 0.02 7.30 -2.45
C GLY A 339 1.46 6.89 -2.24
N GLY A 340 1.68 5.72 -1.64
CA GLY A 340 3.00 5.23 -1.33
C GLY A 340 3.86 4.86 -2.54
N GLN A 341 3.27 4.79 -3.72
CA GLN A 341 3.99 4.26 -4.88
CA GLN A 341 4.00 4.26 -4.88
C GLN A 341 5.21 5.11 -5.26
N VAL A 342 5.07 6.44 -5.21
CA VAL A 342 6.20 7.31 -5.54
C VAL A 342 7.38 7.08 -4.59
N ASP A 343 7.11 6.70 -3.34
CA ASP A 343 8.20 6.41 -2.41
C ASP A 343 9.07 5.30 -2.99
N TYR A 344 8.43 4.30 -3.59
CA TYR A 344 9.12 3.16 -4.16
C TYR A 344 9.75 3.48 -5.53
N VAL A 345 9.17 4.39 -6.30
CA VAL A 345 9.83 4.82 -7.54
C VAL A 345 11.14 5.47 -7.14
N ARG A 346 11.10 6.34 -6.11
CA ARG A 346 12.30 7.05 -5.70
CA ARG A 346 12.29 7.07 -5.66
C ARG A 346 13.33 6.14 -5.05
N GLY A 347 12.86 5.19 -4.22
CA GLY A 347 13.78 4.21 -3.61
C GLY A 347 14.41 3.30 -4.65
N ALA A 348 13.63 2.82 -5.61
CA ALA A 348 14.16 1.92 -6.66
C ALA A 348 15.26 2.62 -7.48
N ALA A 349 15.08 3.92 -7.69
CA ALA A 349 16.04 4.71 -8.45
C ALA A 349 17.40 4.69 -7.74
N TRP A 350 17.47 4.55 -6.41
CA TRP A 350 18.77 4.45 -5.75
C TRP A 350 19.22 3.03 -5.42
N SER A 351 18.40 2.03 -5.71
CA SER A 351 18.75 0.63 -5.49
C SER A 351 19.70 0.22 -6.56
N LYS A 352 20.73 -0.53 -6.21
CA LYS A 352 21.63 -1.12 -7.18
C LYS A 352 20.85 -1.97 -8.17
N ASN A 353 20.96 -1.66 -9.46
CA ASN A 353 20.20 -2.27 -10.54
C ASN A 353 18.68 -2.20 -10.31
N GLY A 354 18.22 -1.17 -9.60
CA GLY A 354 16.80 -0.98 -9.34
C GLY A 354 15.96 -0.62 -10.57
N LYS A 355 14.65 -0.97 -10.51
CA LYS A 355 13.70 -0.73 -11.58
C LYS A 355 12.39 -0.36 -10.94
N SER A 356 11.66 0.60 -11.48
CA SER A 356 10.28 0.74 -11.14
C SER A 356 9.45 0.62 -12.39
N ILE A 357 8.30 0.01 -12.21
CA ILE A 357 7.37 -0.29 -13.27
C ILE A 357 6.01 0.28 -12.93
N ALA A 359 2.59 -0.53 -14.21
CA ALA A 359 1.91 -1.63 -14.90
C ALA A 359 0.41 -1.33 -14.93
N ILE A 360 -0.11 -1.12 -16.12
CA ILE A 360 -1.48 -0.67 -16.28
C ILE A 360 -2.14 -1.31 -17.50
N PRO A 361 -3.46 -1.54 -17.44
CA PRO A 361 -4.24 -1.84 -18.61
C PRO A 361 -4.13 -0.64 -19.56
N SER A 362 -4.09 -0.89 -20.85
CA SER A 362 -3.94 0.21 -21.81
C SER A 362 -5.21 1.05 -21.89
N THR A 363 -6.33 0.51 -21.39
CA THR A 363 -7.62 1.20 -21.52
C THR A 363 -8.36 1.24 -20.20
N ALA A 364 -9.41 2.03 -20.17
CA ALA A 364 -10.29 2.13 -19.01
C ALA A 364 -11.73 2.37 -19.48
N LYS A 365 -12.65 2.27 -18.53
CA LYS A 365 -14.06 2.59 -18.75
C LYS A 365 -14.56 1.72 -19.89
N ASN A 366 -14.31 0.42 -19.73
CA ASN A 366 -14.83 -0.60 -20.59
C ASN A 366 -14.30 -0.45 -22.01
N GLY A 367 -13.05 -0.01 -22.10
CA GLY A 367 -12.36 0.13 -23.38
C GLY A 367 -12.68 1.38 -24.15
N THR A 368 -13.48 2.26 -23.55
CA THR A 368 -13.88 3.53 -24.19
C THR A 368 -12.89 4.67 -23.95
N ALA A 369 -11.93 4.45 -23.04
CA ALA A 369 -10.93 5.47 -22.64
C ALA A 369 -9.53 4.86 -22.65
N SER A 370 -8.53 5.68 -22.96
CA SER A 370 -7.12 5.27 -22.94
C SER A 370 -6.46 5.69 -21.62
N ARG A 371 -5.66 4.83 -21.00
CA ARG A 371 -4.80 5.27 -19.88
C ARG A 371 -3.49 5.97 -20.34
N ILE A 372 -3.20 5.93 -21.63
CA ILE A 372 -2.07 6.65 -22.19
C ILE A 372 -2.69 7.81 -22.92
N VAL A 373 -2.49 9.00 -22.37
CA VAL A 373 -3.24 10.15 -22.83
C VAL A 373 -2.31 11.22 -23.39
N PRO A 374 -2.77 11.98 -24.36
CA PRO A 374 -1.98 13.12 -24.81
C PRO A 374 -1.78 14.18 -23.70
N ILE A 375 -2.79 14.40 -22.87
CA ILE A 375 -2.74 15.39 -21.80
C ILE A 375 -3.48 14.81 -20.61
N ILE A 376 -2.96 14.99 -19.41
CA ILE A 376 -3.65 14.48 -18.24
C ILE A 376 -5.02 15.13 -18.11
N ALA A 377 -5.89 14.53 -17.31
CA ALA A 377 -7.22 15.08 -17.14
C ALA A 377 -7.14 16.44 -16.42
N GLU A 378 -8.09 17.31 -16.74
CA GLU A 378 -8.21 18.65 -16.19
C GLU A 378 -8.19 18.59 -14.67
N GLY A 379 -7.24 19.29 -14.04
CA GLY A 379 -7.14 19.32 -12.60
C GLY A 379 -6.54 18.09 -11.94
N ALA A 380 -6.12 17.09 -12.73
CA ALA A 380 -5.55 15.90 -12.16
C ALA A 380 -4.24 16.21 -11.41
N ALA A 381 -4.00 15.46 -10.33
CA ALA A 381 -2.77 15.59 -9.56
C ALA A 381 -1.71 14.59 -10.03
N VAL A 382 -0.61 15.11 -10.56
CA VAL A 382 0.55 14.30 -10.84
C VAL A 382 1.09 13.69 -9.55
N THR A 383 1.37 12.38 -9.56
CA THR A 383 1.86 11.72 -8.36
C THR A 383 3.26 11.15 -8.53
N THR A 384 3.68 10.92 -9.76
CA THR A 384 5.08 10.62 -10.06
C THR A 384 5.52 11.48 -11.24
N LEU A 385 6.65 12.18 -11.11
CA LEU A 385 7.08 13.22 -12.05
C LEU A 385 7.56 12.58 -13.35
N ARG A 386 7.39 13.28 -14.47
CA ARG A 386 7.90 12.74 -15.73
C ARG A 386 9.42 12.46 -15.65
N ASN A 387 10.13 13.26 -14.89
CA ASN A 387 11.59 13.11 -14.71
C ASN A 387 11.96 11.86 -13.95
N GLU A 388 11.03 11.19 -13.27
CA GLU A 388 11.39 9.99 -12.52
C GLU A 388 10.78 8.66 -12.99
N VAL A 389 9.83 8.71 -13.91
CA VAL A 389 9.19 7.48 -14.38
C VAL A 389 10.26 6.62 -15.07
N ASP A 390 10.19 5.30 -14.94
CA ASP A 390 11.21 4.40 -15.46
C ASP A 390 10.56 3.51 -16.54
N TYR A 391 10.07 2.32 -16.19
CA TYR A 391 9.31 1.45 -17.10
C TYR A 391 7.82 1.67 -17.02
N VAL A 392 7.18 1.55 -18.17
CA VAL A 392 5.73 1.52 -18.23
C VAL A 392 5.35 0.25 -18.96
N VAL A 393 4.38 -0.49 -18.42
CA VAL A 393 4.00 -1.79 -18.98
C VAL A 393 2.50 -1.91 -19.17
N THR A 394 2.10 -2.27 -20.39
CA THR A 394 0.71 -2.63 -20.69
C THR A 394 0.66 -4.04 -21.27
N GLU A 395 -0.56 -4.50 -21.57
CA GLU A 395 -0.76 -5.75 -22.29
C GLU A 395 -0.10 -5.74 -23.65
N TYR A 396 0.24 -4.56 -24.18
CA TYR A 396 0.86 -4.48 -25.52
C TYR A 396 2.37 -4.39 -25.48
N GLY A 397 2.96 -4.30 -24.29
CA GLY A 397 4.42 -4.38 -24.17
C GLY A 397 5.03 -3.45 -23.14
N ILE A 398 6.32 -3.21 -23.29
CA ILE A 398 7.14 -2.58 -22.28
C ILE A 398 7.75 -1.32 -22.90
N ALA A 399 7.74 -0.20 -22.16
CA ALA A 399 8.49 1.00 -22.56
C ALA A 399 9.42 1.43 -21.43
N GLN A 400 10.67 1.75 -21.72
CA GLN A 400 11.53 2.40 -20.72
C GLN A 400 11.73 3.87 -21.11
N LEU A 401 11.31 4.78 -20.25
CA LEU A 401 11.27 6.21 -20.59
C LEU A 401 12.50 6.98 -20.17
N LYS A 402 13.25 6.44 -19.20
CA LYS A 402 14.43 7.13 -18.69
C LYS A 402 15.47 7.29 -19.76
N GLY A 403 15.91 8.52 -20.01
CA GLY A 403 16.91 8.80 -21.04
C GLY A 403 16.30 9.10 -22.40
N LYS A 404 14.97 8.91 -22.55
CA LYS A 404 14.34 9.21 -23.83
C LYS A 404 13.90 10.67 -23.89
N SER A 405 14.03 11.24 -25.09
CA SER A 405 13.50 12.58 -25.38
C SER A 405 11.99 12.55 -25.36
N LEU A 406 11.39 13.72 -25.41
CA LEU A 406 9.94 13.82 -25.43
C LEU A 406 9.36 13.11 -26.66
N ARG A 407 10.00 13.26 -27.82
CA ARG A 407 9.57 12.57 -29.05
CA ARG A 407 9.54 12.57 -29.03
C ARG A 407 9.63 11.07 -28.82
N GLN A 408 10.80 10.59 -28.38
CA GLN A 408 11.03 9.18 -28.13
C GLN A 408 10.06 8.60 -27.09
N ARG A 409 9.78 9.37 -26.06
CA ARG A 409 8.85 8.93 -25.04
C ARG A 409 7.44 8.77 -25.60
N ALA A 410 6.96 9.78 -26.33
CA ALA A 410 5.68 9.73 -27.01
C ALA A 410 5.55 8.49 -27.91
N GLU A 411 6.55 8.29 -28.76
CA GLU A 411 6.57 7.12 -29.66
C GLU A 411 6.56 5.80 -28.88
N ALA A 412 7.39 5.71 -27.84
CA ALA A 412 7.46 4.51 -27.00
C ALA A 412 6.13 4.17 -26.31
N LEU A 413 5.43 5.20 -25.83
CA LEU A 413 4.15 5.00 -25.14
C LEU A 413 3.02 4.66 -26.15
N ILE A 414 3.10 5.26 -27.34
CA ILE A 414 2.10 5.02 -28.37
C ILE A 414 2.10 3.55 -28.78
N ALA A 415 3.30 3.00 -28.90
CA ALA A 415 3.44 1.59 -29.31
C ALA A 415 2.87 0.62 -28.30
N ILE A 416 2.68 1.04 -27.04
CA ILE A 416 2.05 0.17 -26.03
C ILE A 416 0.63 0.63 -25.64
N ALA A 417 0.13 1.64 -26.34
CA ALA A 417 -1.24 2.06 -26.19
C ALA A 417 -2.13 1.08 -26.95
N HIS A 418 -3.39 1.05 -26.62
CA HIS A 418 -4.37 0.29 -27.39
C HIS A 418 -4.38 0.79 -28.84
N PRO A 419 -4.43 -0.15 -29.80
CA PRO A 419 -4.51 0.22 -31.22
C PRO A 419 -5.62 1.23 -31.55
N ASP A 420 -6.75 1.16 -30.85
CA ASP A 420 -7.86 2.09 -31.10
C ASP A 420 -7.55 3.55 -30.72
N PHE A 421 -6.49 3.77 -29.95
CA PHE A 421 -6.11 5.14 -29.55
C PHE A 421 -4.82 5.66 -30.19
N ARG A 422 -4.14 4.79 -30.94
CA ARG A 422 -2.83 5.13 -31.47
C ARG A 422 -2.87 6.24 -32.51
N GLU A 423 -3.94 6.28 -33.31
CA GLU A 423 -4.06 7.27 -34.35
C GLU A 423 -4.19 8.66 -33.80
N GLU A 424 -5.09 8.84 -32.83
CA GLU A 424 -5.27 10.13 -32.21
C GLU A 424 -4.05 10.55 -31.37
N LEU A 425 -3.42 9.59 -30.69
CA LEU A 425 -2.19 9.91 -29.97
C LEU A 425 -1.09 10.39 -30.93
N THR A 426 -0.97 9.71 -32.07
CA THR A 426 0.02 10.06 -33.07
C THR A 426 -0.20 11.46 -33.64
N LYS A 427 -1.46 11.86 -33.74
CA LYS A 427 -1.69 13.19 -34.28
C LYS A 427 -1.31 14.26 -33.27
N HIS A 428 -1.56 14.05 -31.99
CA HIS A 428 -1.01 14.95 -30.96
C HIS A 428 0.52 14.95 -31.01
N LEU A 429 1.13 13.78 -31.16
CA LEU A 429 2.58 13.72 -31.35
C LEU A 429 2.98 14.65 -32.49
N ARG A 430 2.25 14.59 -33.61
CA ARG A 430 2.63 15.34 -34.81
C ARG A 430 2.42 16.84 -34.67
N LYS A 431 1.30 17.22 -34.09
CA LYS A 431 1.03 18.61 -33.74
CA LYS A 431 1.03 18.61 -33.74
C LYS A 431 2.17 19.20 -32.89
N ARG A 432 2.63 18.41 -31.91
CA ARG A 432 3.72 18.85 -31.01
C ARG A 432 5.13 18.86 -31.60
N PHE A 433 5.54 17.79 -32.27
CA PHE A 433 6.93 17.63 -32.72
C PHE A 433 7.09 17.47 -34.23
N GLY A 434 6.02 17.72 -35.00
CA GLY A 434 6.04 17.49 -36.43
C GLY A 434 6.25 16.03 -36.77
#